data_1GRZ
#
_entry.id   1GRZ
#
_cell.length_a   179.0
_cell.length_b   179.0
_cell.length_c   199.3
_cell.angle_alpha   90.0
_cell.angle_beta   90.0
_cell.angle_gamma   90.0
#
_symmetry.space_group_name_H-M   'P 42 21 2'
#
_entity_poly.entity_id   1
_entity_poly.type   'polyribonucleotide'
_entity_poly.pdbx_seq_one_letter_code
;GACCGUCAAAUUGCGGGAAAGGGGUCAACAGCCGUUCAGUACCAAGUCUCAGGGGAAACUUUGAGAUGGCCUUGCAAAGG
GUAUGGUAAUAAGCUGACGGACAUGGUCCUAACCACGCAGCCAAGUCCUAAGUCAACAGGAGACUGUUGAUAUGGAUGCA
GUUCACAGACUAAAUGUCGGUCGGGGAAGAUGUAUUCUUCUCAUAAGAUAUAGUCGGACCUCUCCCGAAAGGGAGUUGGA
GUACUCG
;
_entity_poly.pdbx_strand_id   A,B
#
loop_
_chem_comp.id
_chem_comp.type
_chem_comp.name
_chem_comp.formula
A RNA linking ADENOSINE-5'-MONOPHOSPHATE 'C10 H14 N5 O7 P'
C RNA linking CYTIDINE-5'-MONOPHOSPHATE 'C9 H14 N3 O8 P'
G RNA linking GUANOSINE-5'-MONOPHOSPHATE 'C10 H14 N5 O8 P'
U RNA linking URIDINE-5'-MONOPHOSPHATE 'C9 H13 N2 O9 P'
#